data_5ZKJ
#
_entry.id   5ZKJ
#
_cell.length_a   167.576
_cell.length_b   167.576
_cell.length_c   105.438
_cell.angle_alpha   90.00
_cell.angle_beta   90.00
_cell.angle_gamma   120.00
#
_symmetry.space_group_name_H-M   'H 3'
#
loop_
_entity.id
_entity.type
_entity.pdbx_description
1 polymer 'Nuclease EXOG, mitochondrial'
2 polymer "RNA (5'-R(P*CP*GP*GP*GP*AP*UP*GP*UP*CP*AP*CP*G)-3')"
3 polymer "DNA (5'-D(*CP*GP*TP*GP*AP*CP*AP*TP*CP*CP*CP*G)-3')"
4 non-polymer 'MAGNESIUM ION'
5 non-polymer 'CHLORIDE ION'
6 water water
#
loop_
_entity_poly.entity_id
_entity_poly.type
_entity_poly.pdbx_seq_one_letter_code
_entity_poly.pdbx_strand_id
1 'polypeptide(L)'
;MGSSHHHHHHSSGLVPRGSHMQGAEGALTGKQPDGSAEKAVLEQFGFPLTGTEARCYTNHALSYDQAKRVPRWVLEHISK
SKIMGDADRKHCKFKPDPNIPPTFSAFNEDYVGSGWSRGAMAPAGNNKFSSKAMAETFYLSNIVPQDFDNNSGYWNRIEM
YCRELTERFEDVWVVSGPLTLPQTRGDGKKIVSYQVIGEDNVAVPSHLYKVILARRSSVSTEPLALGAFVVPNEAIGFQP
QLTEFQVSLQDLEKLSGLVFFPHLDRTSDIRNICSVDTCKLLDFQEFTLYLSTRKIEGARSVLRLEKIMENLKNAEIEPD
DYFMSRYEKKLEELKAKEQSGTQIRKPS
;
A,B
2 'polyribonucleotide' CGGGAUGUCACG C,E
3 'polydeoxyribonucleotide' (DC)(DG)(DT)(DG)(DA)(DC)(DA)(DT)(DC)(DC)(DC)(DG) D,F
#
loop_
_chem_comp.id
_chem_comp.type
_chem_comp.name
_chem_comp.formula
A RNA linking ADENOSINE-5'-MONOPHOSPHATE 'C10 H14 N5 O7 P'
C RNA linking CYTIDINE-5'-MONOPHOSPHATE 'C9 H14 N3 O8 P'
CL non-polymer 'CHLORIDE ION' 'Cl -1'
DA DNA linking 2'-DEOXYADENOSINE-5'-MONOPHOSPHATE 'C10 H14 N5 O6 P'
DC DNA linking 2'-DEOXYCYTIDINE-5'-MONOPHOSPHATE 'C9 H14 N3 O7 P'
DG DNA linking 2'-DEOXYGUANOSINE-5'-MONOPHOSPHATE 'C10 H14 N5 O7 P'
DT DNA linking THYMIDINE-5'-MONOPHOSPHATE 'C10 H15 N2 O8 P'
G RNA linking GUANOSINE-5'-MONOPHOSPHATE 'C10 H14 N5 O8 P'
MG non-polymer 'MAGNESIUM ION' 'Mg 2'
U RNA linking URIDINE-5'-MONOPHOSPHATE 'C9 H13 N2 O9 P'
#
# COMPACT_ATOMS: atom_id res chain seq x y z
N SER A 36 -31.23 0.96 -3.09
CA SER A 36 -30.03 0.88 -2.26
C SER A 36 -29.98 2.03 -1.25
N ALA A 37 -30.98 2.10 -0.38
CA ALA A 37 -31.01 3.15 0.63
C ALA A 37 -29.93 2.94 1.68
N GLU A 38 -29.64 1.68 2.02
CA GLU A 38 -28.58 1.40 3.00
C GLU A 38 -27.24 1.91 2.50
N LYS A 39 -26.94 1.70 1.21
CA LYS A 39 -25.67 2.15 0.68
C LYS A 39 -25.56 3.67 0.68
N ALA A 40 -26.68 4.38 0.57
CA ALA A 40 -26.65 5.84 0.54
C ALA A 40 -26.23 6.41 1.89
N VAL A 41 -26.76 5.86 2.98
CA VAL A 41 -26.36 6.31 4.31
C VAL A 41 -24.89 5.98 4.55
N LEU A 42 -24.46 4.80 4.13
CA LEU A 42 -23.06 4.41 4.29
C LEU A 42 -22.12 5.43 3.65
N GLU A 43 -22.47 5.89 2.44
CA GLU A 43 -21.67 6.86 1.71
C GLU A 43 -21.94 8.30 2.11
N GLN A 44 -22.74 8.53 3.17
CA GLN A 44 -23.15 9.87 3.55
C GLN A 44 -22.01 10.89 3.44
N PHE A 45 -20.85 10.53 3.97
CA PHE A 45 -19.70 11.42 3.97
C PHE A 45 -18.61 10.97 3.00
N GLY A 46 -18.88 9.96 2.20
CA GLY A 46 -17.94 9.54 1.16
C GLY A 46 -16.95 8.51 1.65
N PHE A 47 -16.57 7.62 0.75
CA PHE A 47 -15.55 6.63 1.05
C PHE A 47 -14.22 7.33 1.33
N PRO A 48 -13.31 6.68 2.06
CA PRO A 48 -11.95 7.22 2.15
C PRO A 48 -11.27 7.23 0.79
N LEU A 49 -10.37 8.19 0.61
CA LEU A 49 -9.67 8.37 -0.65
C LEU A 49 -8.26 7.81 -0.54
N THR A 50 -7.86 7.02 -1.53
CA THR A 50 -6.52 6.44 -1.58
C THR A 50 -5.59 7.18 -2.54
N GLY A 51 -6.12 8.04 -3.40
CA GLY A 51 -5.29 8.79 -4.32
C GLY A 51 -4.46 7.93 -5.24
N THR A 52 -4.97 6.76 -5.63
CA THR A 52 -4.24 5.84 -6.49
C THR A 52 -4.66 5.94 -7.96
N GLU A 53 -5.63 6.79 -8.29
CA GLU A 53 -6.03 6.97 -9.67
C GLU A 53 -4.81 7.29 -10.53
N ALA A 54 -4.89 7.01 -11.82
CA ALA A 54 -3.76 7.22 -12.72
C ALA A 54 -3.61 8.71 -13.03
N ARG A 55 -2.40 9.23 -12.85
CA ARG A 55 -2.06 10.59 -13.22
C ARG A 55 -1.28 10.56 -14.53
N CYS A 56 -1.72 11.35 -15.50
CA CYS A 56 -1.16 11.32 -16.85
C CYS A 56 -0.41 12.63 -17.13
N TYR A 57 0.73 12.50 -17.77
CA TYR A 57 1.58 13.63 -18.14
C TYR A 57 1.87 13.55 -19.64
N THR A 58 2.69 14.49 -20.13
CA THR A 58 2.87 14.62 -21.57
C THR A 58 3.51 13.39 -22.20
N ASN A 59 4.25 12.57 -21.42
CA ASN A 59 4.86 11.38 -21.98
C ASN A 59 5.11 10.31 -20.92
N HIS A 60 4.29 10.27 -19.87
CA HIS A 60 4.35 9.19 -18.90
C HIS A 60 3.20 9.34 -17.93
N ALA A 61 2.66 8.20 -17.49
CA ALA A 61 1.61 8.15 -16.50
C ALA A 61 2.09 7.40 -15.27
N LEU A 62 1.41 7.62 -14.14
CA LEU A 62 1.84 7.01 -12.90
C LEU A 62 0.68 6.97 -11.91
N SER A 63 0.80 6.07 -10.94
CA SER A 63 -0.08 6.02 -9.78
C SER A 63 0.76 6.30 -8.53
N TYR A 64 0.33 7.27 -7.74
CA TYR A 64 1.10 7.74 -6.60
C TYR A 64 0.69 7.02 -5.32
N ASP A 65 1.68 6.63 -4.53
CA ASP A 65 1.46 6.00 -3.23
C ASP A 65 1.56 7.08 -2.16
N GLN A 66 0.41 7.52 -1.66
CA GLN A 66 0.38 8.63 -0.70
C GLN A 66 0.99 8.24 0.65
N ALA A 67 1.06 6.95 0.97
CA ALA A 67 1.62 6.54 2.25
C ALA A 67 3.14 6.48 2.21
N LYS A 68 3.70 5.83 1.20
CA LYS A 68 5.15 5.74 1.07
C LYS A 68 5.76 6.97 0.39
N ARG A 69 4.95 7.84 -0.19
CA ARG A 69 5.42 9.07 -0.81
C ARG A 69 6.35 8.78 -1.99
N VAL A 70 6.08 7.69 -2.70
CA VAL A 70 6.77 7.36 -3.94
C VAL A 70 5.77 6.84 -4.94
N PRO A 71 6.11 6.88 -6.23
CA PRO A 71 5.22 6.30 -7.24
C PRO A 71 5.04 4.80 -7.04
N ARG A 72 3.85 4.32 -7.36
CA ARG A 72 3.56 2.89 -7.31
CA ARG A 72 3.57 2.89 -7.30
C ARG A 72 3.97 2.20 -8.60
N TRP A 73 3.62 2.79 -9.74
CA TRP A 73 4.05 2.32 -11.05
C TRP A 73 4.13 3.53 -11.97
N VAL A 74 5.04 3.46 -12.94
CA VAL A 74 5.24 4.54 -13.90
C VAL A 74 5.28 3.92 -15.29
N LEU A 75 4.39 4.37 -16.17
CA LEU A 75 4.28 3.86 -17.53
C LEU A 75 4.82 4.90 -18.51
N GLU A 76 5.49 4.43 -19.56
CA GLU A 76 6.03 5.30 -20.58
C GLU A 76 6.15 4.52 -21.88
N HIS A 77 6.11 5.26 -22.99
CA HIS A 77 6.26 4.70 -24.33
C HIS A 77 7.46 5.35 -25.01
N ILE A 78 8.40 4.53 -25.46
CA ILE A 78 9.65 5.01 -26.05
C ILE A 78 9.64 4.67 -27.53
N SER A 79 10.04 5.64 -28.35
CA SER A 79 10.29 5.42 -29.77
C SER A 79 11.51 6.22 -30.16
N LYS A 80 12.18 5.79 -31.23
CA LYS A 80 13.37 6.48 -31.69
C LYS A 80 13.11 7.96 -31.92
N SER A 81 11.86 8.33 -32.28
CA SER A 81 11.53 9.72 -32.49
C SER A 81 11.60 10.53 -31.21
N LYS A 82 11.42 9.89 -30.06
CA LYS A 82 11.32 10.60 -28.79
C LYS A 82 12.66 10.79 -28.09
N ILE A 83 13.62 9.89 -28.31
CA ILE A 83 14.88 9.93 -27.57
C ILE A 83 15.87 10.85 -28.28
N MET A 84 15.41 11.57 -29.29
CA MET A 84 16.22 12.55 -30.02
C MET A 84 15.57 13.92 -29.91
N GLY A 85 16.37 14.93 -29.61
CA GLY A 85 15.86 16.28 -29.47
C GLY A 85 16.89 17.19 -28.84
N ASP A 86 16.41 18.35 -28.41
CA ASP A 86 17.26 19.40 -27.86
C ASP A 86 16.99 19.68 -26.38
N ALA A 87 16.02 18.99 -25.78
CA ALA A 87 15.70 19.22 -24.37
C ALA A 87 16.91 18.92 -23.50
N ASP A 88 17.30 19.89 -22.68
CA ASP A 88 18.48 19.77 -21.84
C ASP A 88 18.09 19.31 -20.44
N ARG A 89 19.02 18.59 -19.81
CA ARG A 89 18.79 17.98 -18.51
C ARG A 89 19.19 18.86 -17.34
N LYS A 90 20.01 19.88 -17.57
CA LYS A 90 20.47 20.76 -16.51
C LYS A 90 19.65 22.02 -16.39
N HIS A 91 18.65 22.22 -17.24
CA HIS A 91 17.67 23.28 -17.07
C HIS A 91 16.40 22.78 -16.40
N CYS A 92 16.44 21.59 -15.80
CA CYS A 92 15.33 21.02 -15.07
C CYS A 92 15.74 20.81 -13.63
N LYS A 93 14.79 20.99 -12.71
CA LYS A 93 15.04 20.88 -11.28
C LYS A 93 14.04 19.93 -10.66
N PHE A 94 14.49 19.17 -9.65
CA PHE A 94 13.60 18.34 -8.88
C PHE A 94 12.73 19.21 -8.00
N LYS A 95 11.41 19.11 -8.17
CA LYS A 95 10.48 19.91 -7.39
C LYS A 95 9.24 19.08 -7.09
N PRO A 96 8.53 19.39 -6.01
CA PRO A 96 7.30 18.64 -5.70
C PRO A 96 6.27 18.81 -6.80
N ASP A 97 5.60 17.70 -7.12
CA ASP A 97 4.54 17.73 -8.13
C ASP A 97 3.40 18.59 -7.61
N PRO A 98 3.06 19.71 -8.26
CA PRO A 98 1.96 20.55 -7.75
C PRO A 98 0.58 19.91 -7.85
N ASN A 99 0.47 18.74 -8.47
CA ASN A 99 -0.79 18.00 -8.50
C ASN A 99 -0.96 17.07 -7.30
N ILE A 100 0.11 16.83 -6.54
CA ILE A 100 0.04 15.98 -5.35
C ILE A 100 -0.27 16.87 -4.14
N PRO A 101 -1.26 16.55 -3.34
CA PRO A 101 -1.51 17.31 -2.12
C PRO A 101 -0.22 17.43 -1.31
N PRO A 102 0.17 18.65 -0.92
CA PRO A 102 1.43 18.80 -0.16
C PRO A 102 1.52 17.90 1.07
N THR A 103 0.37 17.48 1.60
CA THR A 103 0.38 16.59 2.76
C THR A 103 1.03 15.25 2.44
N PHE A 104 0.71 14.70 1.26
CA PHE A 104 1.22 13.40 0.86
C PHE A 104 2.42 13.49 -0.07
N SER A 105 2.92 14.69 -0.35
CA SER A 105 4.03 14.88 -1.26
C SER A 105 5.36 14.80 -0.52
N ALA A 106 6.39 14.39 -1.25
CA ALA A 106 7.76 14.45 -0.76
C ALA A 106 8.41 15.76 -1.21
N PHE A 107 9.57 16.05 -0.64
CA PHE A 107 10.27 17.29 -0.91
C PHE A 107 11.77 17.03 -0.99
N ASN A 108 12.47 17.92 -1.69
CA ASN A 108 13.91 17.78 -1.84
C ASN A 108 14.60 17.67 -0.48
N GLU A 109 14.04 18.31 0.55
CA GLU A 109 14.63 18.24 1.87
C GLU A 109 14.68 16.82 2.41
N ASP A 110 13.83 15.92 1.91
CA ASP A 110 13.83 14.54 2.38
C ASP A 110 15.00 13.74 1.81
N TYR A 111 15.50 14.13 0.63
CA TYR A 111 16.54 13.38 -0.06
C TYR A 111 17.95 13.90 0.21
N VAL A 112 18.15 15.21 0.11
CA VAL A 112 19.47 15.79 0.20
C VAL A 112 20.12 15.39 1.52
N GLY A 113 21.30 14.78 1.44
CA GLY A 113 22.05 14.39 2.61
C GLY A 113 21.49 13.22 3.38
N SER A 114 20.39 12.62 2.91
CA SER A 114 19.81 11.46 3.57
C SER A 114 20.58 10.17 3.31
N GLY A 115 21.69 10.24 2.58
CA GLY A 115 22.41 9.05 2.16
C GLY A 115 21.82 8.37 0.94
N TRP A 116 20.80 8.95 0.32
CA TRP A 116 20.14 8.36 -0.82
C TRP A 116 19.94 9.41 -1.91
N SER A 117 19.77 8.95 -3.15
CA SER A 117 19.66 9.82 -4.29
C SER A 117 18.22 9.84 -4.81
N ARG A 118 17.93 10.84 -5.63
CA ARG A 118 16.63 10.98 -6.28
C ARG A 118 16.68 10.26 -7.62
N GLY A 119 16.11 9.05 -7.66
CA GLY A 119 16.11 8.24 -8.85
C GLY A 119 14.78 8.31 -9.58
N ALA A 120 14.82 8.79 -10.82
CA ALA A 120 13.62 8.90 -11.63
C ALA A 120 13.28 7.57 -12.27
N MET A 121 11.98 7.27 -12.33
CA MET A 121 11.51 6.03 -12.94
C MET A 121 11.35 6.20 -14.45
N ALA A 122 10.50 7.13 -14.86
CA ALA A 122 10.45 7.55 -16.25
C ALA A 122 11.74 8.28 -16.55
N PRO A 123 12.67 7.72 -17.32
CA PRO A 123 13.98 8.37 -17.48
C PRO A 123 13.85 9.72 -18.18
N ALA A 124 14.65 10.68 -17.72
CA ALA A 124 14.72 11.96 -18.42
C ALA A 124 15.20 11.80 -19.85
N GLY A 125 16.17 10.91 -20.06
CA GLY A 125 16.73 10.70 -21.39
C GLY A 125 15.72 10.23 -22.42
N ASN A 126 14.58 9.69 -21.97
CA ASN A 126 13.54 9.22 -22.88
C ASN A 126 12.64 10.36 -23.36
N ASN A 127 12.97 11.60 -23.05
CA ASN A 127 12.13 12.75 -23.41
C ASN A 127 12.98 13.87 -23.98
N LYS A 128 14.03 13.53 -24.72
CA LYS A 128 14.85 14.54 -25.37
C LYS A 128 14.03 15.39 -26.33
N PHE A 129 12.91 14.87 -26.84
CA PHE A 129 12.15 15.57 -27.87
C PHE A 129 11.32 16.73 -27.32
N SER A 130 11.01 16.73 -26.02
CA SER A 130 10.16 17.76 -25.44
C SER A 130 10.80 18.29 -24.16
N SER A 131 10.72 19.61 -23.99
CA SER A 131 11.19 20.23 -22.75
C SER A 131 10.16 20.12 -21.65
N LYS A 132 8.87 20.15 -22.00
CA LYS A 132 7.82 19.97 -21.00
C LYS A 132 7.84 18.54 -20.46
N ALA A 133 7.92 17.55 -21.36
CA ALA A 133 7.96 16.16 -20.92
C ALA A 133 9.14 15.92 -19.99
N MET A 134 10.32 16.43 -20.35
CA MET A 134 11.49 16.25 -19.50
C MET A 134 11.30 16.90 -18.15
N ALA A 135 10.68 18.08 -18.11
CA ALA A 135 10.47 18.76 -16.84
C ALA A 135 9.52 18.00 -15.94
N GLU A 136 8.48 17.39 -16.52
CA GLU A 136 7.56 16.57 -15.74
C GLU A 136 8.24 15.31 -15.20
N THR A 137 9.32 14.87 -15.84
CA THR A 137 10.09 13.75 -15.29
C THR A 137 10.71 14.10 -13.95
N PHE A 138 10.97 15.38 -13.70
CA PHE A 138 11.65 15.81 -12.49
C PHE A 138 10.70 16.13 -11.35
N TYR A 139 9.39 16.01 -11.56
CA TYR A 139 8.47 16.01 -10.43
C TYR A 139 8.83 14.87 -9.48
N LEU A 140 8.73 15.14 -8.18
CA LEU A 140 9.04 14.12 -7.18
C LEU A 140 8.04 12.98 -7.18
N SER A 141 6.90 13.12 -7.88
CA SER A 141 5.96 12.03 -8.02
C SER A 141 6.52 10.89 -8.86
N ASN A 142 7.57 11.13 -9.64
CA ASN A 142 8.15 10.14 -10.53
C ASN A 142 9.46 9.55 -10.01
N ILE A 143 9.93 9.98 -8.84
CA ILE A 143 11.25 9.60 -8.37
C ILE A 143 11.14 8.87 -7.04
N VAL A 144 12.09 7.97 -6.79
CA VAL A 144 12.14 7.22 -5.54
C VAL A 144 13.53 7.37 -4.94
N PRO A 145 13.74 7.00 -3.67
CA PRO A 145 15.11 6.99 -3.13
C PRO A 145 15.88 5.80 -3.67
N GLN A 146 17.06 6.07 -4.23
CA GLN A 146 17.84 5.05 -4.92
C GLN A 146 19.30 5.18 -4.53
N ASP A 147 19.95 4.02 -4.39
CA ASP A 147 21.39 3.98 -4.13
C ASP A 147 22.12 4.85 -5.15
N PHE A 148 23.11 5.61 -4.68
CA PHE A 148 23.83 6.52 -5.56
C PHE A 148 24.51 5.78 -6.70
N ASP A 149 25.25 4.71 -6.38
CA ASP A 149 25.95 3.96 -7.42
C ASP A 149 24.98 3.26 -8.34
N ASN A 150 23.92 2.66 -7.79
CA ASN A 150 22.93 1.96 -8.61
C ASN A 150 22.28 2.89 -9.61
N ASN A 151 21.95 4.12 -9.18
CA ASN A 151 21.23 5.06 -10.03
C ASN A 151 21.99 5.31 -11.32
N SER A 152 23.14 5.97 -11.23
CA SER A 152 23.94 6.31 -12.40
C SER A 152 24.74 5.13 -12.94
N GLY A 153 24.68 3.97 -12.28
CA GLY A 153 25.43 2.81 -12.72
C GLY A 153 24.58 1.76 -13.39
N TYR A 154 24.36 0.64 -12.68
CA TYR A 154 23.68 -0.51 -13.28
C TYR A 154 22.29 -0.12 -13.80
N TRP A 155 21.47 0.50 -12.94
CA TRP A 155 20.13 0.91 -13.36
C TRP A 155 20.21 1.82 -14.58
N ASN A 156 21.14 2.77 -14.57
CA ASN A 156 21.33 3.63 -15.74
C ASN A 156 21.52 2.81 -17.00
N ARG A 157 22.34 1.77 -16.94
CA ARG A 157 22.57 0.93 -18.11
C ARG A 157 21.31 0.20 -18.55
N ILE A 158 20.46 -0.19 -17.59
CA ILE A 158 19.18 -0.78 -17.95
C ILE A 158 18.32 0.23 -18.69
N GLU A 159 18.33 1.49 -18.25
CA GLU A 159 17.57 2.52 -18.93
C GLU A 159 18.09 2.75 -20.35
N MET A 160 19.41 2.62 -20.54
CA MET A 160 19.96 2.81 -21.88
C MET A 160 19.59 1.66 -22.81
N TYR A 161 19.57 0.43 -22.29
CA TYR A 161 19.16 -0.70 -23.12
C TYR A 161 17.74 -0.55 -23.62
N CYS A 162 16.85 0.06 -22.82
CA CYS A 162 15.49 0.29 -23.26
C CYS A 162 15.47 1.21 -24.48
N ARG A 163 16.21 2.31 -24.43
CA ARG A 163 16.33 3.18 -25.59
C ARG A 163 16.95 2.45 -26.77
N GLU A 164 17.84 1.48 -26.50
CA GLU A 164 18.49 0.74 -27.58
C GLU A 164 17.51 -0.15 -28.33
N LEU A 165 16.46 -0.62 -27.66
CA LEU A 165 15.46 -1.46 -28.32
C LEU A 165 14.68 -0.71 -29.38
N THR A 166 14.65 0.62 -29.32
CA THR A 166 13.91 1.39 -30.31
C THR A 166 14.43 1.19 -31.72
N GLU A 167 15.70 0.81 -31.87
CA GLU A 167 16.27 0.57 -33.19
C GLU A 167 15.90 -0.80 -33.76
N ARG A 168 15.36 -1.71 -32.94
CA ARG A 168 14.85 -2.99 -33.40
C ARG A 168 13.34 -3.12 -33.26
N PHE A 169 12.71 -2.22 -32.51
CA PHE A 169 11.26 -2.25 -32.33
C PHE A 169 10.74 -0.82 -32.47
N GLU A 170 9.65 -0.66 -33.21
CA GLU A 170 9.10 0.67 -33.42
C GLU A 170 8.38 1.19 -32.18
N ASP A 171 7.98 0.32 -31.26
CA ASP A 171 7.25 0.72 -30.06
C ASP A 171 7.75 -0.06 -28.87
N VAL A 172 8.06 0.64 -27.78
CA VAL A 172 8.53 0.03 -26.54
C VAL A 172 7.75 0.67 -25.39
N TRP A 173 7.04 -0.16 -24.64
CA TRP A 173 6.38 0.26 -23.42
C TRP A 173 7.17 -0.24 -22.21
N VAL A 174 7.36 0.64 -21.23
CA VAL A 174 8.13 0.33 -20.03
C VAL A 174 7.29 0.69 -18.81
N VAL A 175 7.31 -0.17 -17.81
CA VAL A 175 6.65 0.07 -16.53
C VAL A 175 7.67 -0.12 -15.43
N SER A 176 7.84 0.89 -14.58
CA SER A 176 8.82 0.86 -13.51
C SER A 176 8.17 1.27 -12.20
N GLY A 177 8.80 0.86 -11.09
CA GLY A 177 8.32 1.19 -9.77
C GLY A 177 9.16 0.58 -8.67
N PRO A 178 8.93 1.00 -7.43
CA PRO A 178 9.70 0.49 -6.30
C PRO A 178 9.09 -0.79 -5.71
N LEU A 179 9.89 -1.45 -4.87
CA LEU A 179 9.45 -2.67 -4.20
C LEU A 179 10.14 -2.76 -2.84
N THR A 180 9.38 -3.11 -1.82
CA THR A 180 9.90 -3.45 -0.51
C THR A 180 9.63 -4.93 -0.30
N LEU A 181 10.65 -5.76 -0.53
CA LEU A 181 10.45 -7.20 -0.52
C LEU A 181 10.89 -7.79 0.81
N PRO A 182 10.26 -8.90 1.22
CA PRO A 182 10.63 -9.52 2.50
C PRO A 182 11.98 -10.19 2.45
N GLN A 183 12.39 -10.79 3.56
CA GLN A 183 13.66 -11.51 3.62
C GLN A 183 13.60 -12.47 4.81
N THR A 184 13.81 -13.75 4.56
CA THR A 184 13.75 -14.74 5.62
C THR A 184 14.98 -14.64 6.51
N ARG A 185 14.82 -15.02 7.77
CA ARG A 185 15.89 -14.97 8.74
C ARG A 185 16.01 -16.33 9.42
N GLY A 186 16.96 -16.44 10.37
CA GLY A 186 17.31 -17.73 10.90
C GLY A 186 16.13 -18.51 11.46
N ASP A 187 15.28 -17.85 12.22
CA ASP A 187 14.19 -18.54 12.91
C ASP A 187 13.06 -18.95 11.98
N GLY A 188 13.18 -18.70 10.68
CA GLY A 188 12.25 -19.21 9.70
C GLY A 188 11.23 -18.21 9.17
N LYS A 189 10.95 -17.15 9.92
CA LYS A 189 9.89 -16.24 9.52
C LYS A 189 10.44 -15.09 8.68
N LYS A 190 9.56 -14.50 7.87
CA LYS A 190 9.93 -13.55 6.85
C LYS A 190 9.55 -12.14 7.28
N ILE A 191 10.48 -11.20 7.13
CA ILE A 191 10.30 -9.84 7.62
C ILE A 191 10.53 -8.87 6.47
N VAL A 192 9.55 -8.02 6.20
CA VAL A 192 9.74 -6.87 5.32
C VAL A 192 10.32 -5.74 6.14
N SER A 193 11.43 -5.17 5.66
CA SER A 193 12.10 -4.10 6.40
C SER A 193 12.68 -3.11 5.41
N TYR A 194 12.35 -1.83 5.59
CA TYR A 194 12.84 -0.79 4.70
C TYR A 194 12.94 0.53 5.46
N GLN A 195 13.88 1.36 5.02
CA GLN A 195 14.15 2.63 5.66
C GLN A 195 13.22 3.71 5.13
N VAL A 196 12.94 4.70 5.97
CA VAL A 196 12.23 5.91 5.56
C VAL A 196 13.11 7.09 5.94
N ILE A 197 13.16 8.08 5.05
CA ILE A 197 14.10 9.19 5.17
C ILE A 197 13.35 10.51 5.15
N GLY A 198 13.85 11.48 5.91
CA GLY A 198 13.30 12.82 5.92
C GLY A 198 12.11 12.95 6.86
N GLU A 199 11.65 14.20 6.99
CA GLU A 199 10.49 14.48 7.84
C GLU A 199 9.25 13.78 7.33
N ASP A 200 9.10 13.65 6.01
CA ASP A 200 7.92 13.05 5.41
C ASP A 200 7.99 11.54 5.31
N ASN A 201 9.13 10.94 5.66
CA ASN A 201 9.28 9.48 5.70
C ASN A 201 9.01 8.88 4.32
N VAL A 202 9.90 9.19 3.39
CA VAL A 202 9.85 8.62 2.05
C VAL A 202 10.44 7.22 2.11
N ALA A 203 9.69 6.24 1.62
CA ALA A 203 10.11 4.85 1.72
C ALA A 203 11.25 4.56 0.74
N VAL A 204 12.32 3.96 1.26
CA VAL A 204 13.45 3.52 0.44
C VAL A 204 13.20 2.07 0.04
N PRO A 205 12.98 1.78 -1.24
CA PRO A 205 12.69 0.40 -1.62
C PRO A 205 13.92 -0.49 -1.57
N SER A 206 13.69 -1.78 -1.31
CA SER A 206 14.76 -2.77 -1.36
C SER A 206 15.08 -3.21 -2.77
N HIS A 207 14.13 -3.06 -3.70
CA HIS A 207 14.33 -3.47 -5.08
C HIS A 207 13.58 -2.50 -5.99
N LEU A 208 13.97 -2.51 -7.27
CA LEU A 208 13.28 -1.78 -8.31
C LEU A 208 12.93 -2.75 -9.43
N TYR A 209 11.72 -2.62 -9.98
CA TYR A 209 11.26 -3.49 -11.04
C TYR A 209 11.09 -2.69 -12.32
N LYS A 210 11.18 -3.41 -13.44
CA LYS A 210 10.99 -2.80 -14.76
C LYS A 210 10.45 -3.87 -15.70
N VAL A 211 9.25 -3.64 -16.23
CA VAL A 211 8.64 -4.53 -17.21
C VAL A 211 8.79 -3.89 -18.58
N ILE A 212 9.21 -4.69 -19.57
CA ILE A 212 9.47 -4.20 -20.92
C ILE A 212 8.60 -4.98 -21.88
N LEU A 213 7.76 -4.27 -22.63
CA LEU A 213 6.90 -4.85 -23.65
C LEU A 213 7.21 -4.19 -24.98
N ALA A 214 7.65 -4.98 -25.97
CA ALA A 214 8.07 -4.46 -27.25
C ALA A 214 7.36 -5.20 -28.38
N ARG A 215 6.91 -4.44 -29.38
CA ARG A 215 6.40 -5.00 -30.62
C ARG A 215 7.26 -4.52 -31.77
N ARG A 216 7.58 -5.42 -32.70
CA ARG A 216 8.52 -5.11 -33.76
C ARG A 216 8.00 -3.97 -34.65
N SER A 217 6.76 -4.08 -35.10
CA SER A 217 6.20 -3.14 -36.05
C SER A 217 4.74 -2.87 -35.77
N SER A 218 4.27 -1.70 -36.21
CA SER A 218 2.85 -1.36 -36.10
C SER A 218 1.99 -2.16 -37.06
N VAL A 219 2.59 -2.89 -38.01
CA VAL A 219 1.84 -3.56 -39.06
C VAL A 219 2.25 -5.02 -39.14
N SER A 220 3.10 -5.47 -38.22
CA SER A 220 3.38 -6.87 -38.04
C SER A 220 2.46 -7.46 -36.98
N THR A 221 2.43 -8.78 -36.91
CA THR A 221 1.79 -9.50 -35.81
C THR A 221 2.73 -10.56 -35.28
N GLU A 222 4.03 -10.27 -35.27
CA GLU A 222 4.97 -11.05 -34.50
C GLU A 222 4.44 -11.15 -33.08
N PRO A 223 4.68 -12.25 -32.37
CA PRO A 223 4.52 -12.21 -30.91
C PRO A 223 5.20 -10.98 -30.33
N LEU A 224 4.63 -10.48 -29.25
CA LEU A 224 5.23 -9.37 -28.53
C LEU A 224 6.35 -9.88 -27.64
N ALA A 225 7.38 -9.05 -27.46
CA ALA A 225 8.52 -9.39 -26.63
C ALA A 225 8.31 -8.77 -25.26
N LEU A 226 8.34 -9.61 -24.22
CA LEU A 226 8.01 -9.21 -22.87
C LEU A 226 9.10 -9.63 -21.91
N GLY A 227 9.47 -8.73 -21.00
CA GLY A 227 10.48 -9.02 -20.01
C GLY A 227 10.23 -8.31 -18.69
N ALA A 228 10.35 -9.04 -17.58
CA ALA A 228 10.16 -8.48 -16.25
C ALA A 228 11.42 -8.73 -15.43
N PHE A 229 11.90 -7.69 -14.75
CA PHE A 229 13.18 -7.74 -14.06
C PHE A 229 13.07 -7.05 -12.72
N VAL A 230 13.74 -7.60 -11.71
CA VAL A 230 13.75 -7.08 -10.35
C VAL A 230 15.20 -6.94 -9.93
N VAL A 231 15.61 -5.72 -9.59
CA VAL A 231 17.01 -5.39 -9.30
C VAL A 231 17.06 -4.85 -7.87
N PRO A 232 18.00 -5.30 -7.04
CA PRO A 232 18.13 -4.71 -5.70
C PRO A 232 18.66 -3.29 -5.76
N ASN A 233 18.27 -2.49 -4.77
CA ASN A 233 18.64 -1.07 -4.70
C ASN A 233 20.00 -0.95 -4.00
N GLU A 234 21.05 -1.23 -4.77
CA GLU A 234 22.41 -1.24 -4.25
C GLU A 234 23.39 -1.25 -5.41
N ALA A 235 24.62 -0.86 -5.13
CA ALA A 235 25.68 -0.97 -6.11
C ALA A 235 25.80 -2.42 -6.59
N ILE A 236 26.09 -2.61 -7.87
CA ILE A 236 26.13 -3.94 -8.46
C ILE A 236 27.44 -4.17 -9.17
N GLY A 237 27.74 -3.34 -10.16
CA GLY A 237 28.93 -3.52 -10.99
C GLY A 237 28.60 -4.06 -12.36
N PHE A 238 29.63 -4.60 -13.02
CA PHE A 238 29.49 -5.10 -14.38
C PHE A 238 29.49 -6.63 -14.46
N GLN A 239 29.84 -7.32 -13.38
CA GLN A 239 29.87 -8.79 -13.39
C GLN A 239 28.53 -9.36 -13.83
N PRO A 240 27.43 -9.07 -13.14
CA PRO A 240 26.19 -9.82 -13.39
C PRO A 240 25.44 -9.31 -14.62
N GLN A 241 25.00 -10.25 -15.44
CA GLN A 241 24.23 -9.93 -16.63
C GLN A 241 22.77 -9.70 -16.28
N LEU A 242 22.12 -8.81 -17.03
CA LEU A 242 20.75 -8.43 -16.74
C LEU A 242 19.82 -9.65 -16.67
N THR A 243 20.16 -10.73 -17.37
CA THR A 243 19.36 -11.94 -17.29
C THR A 243 19.30 -12.48 -15.86
N GLU A 244 20.32 -12.19 -15.06
CA GLU A 244 20.34 -12.66 -13.68
C GLU A 244 19.13 -12.15 -12.90
N PHE A 245 18.62 -10.98 -13.26
CA PHE A 245 17.56 -10.32 -12.50
C PHE A 245 16.18 -10.51 -13.12
N GLN A 246 16.06 -11.35 -14.13
CA GLN A 246 14.78 -11.54 -14.79
C GLN A 246 13.87 -12.43 -13.95
N VAL A 247 12.58 -12.12 -13.97
CA VAL A 247 11.56 -12.91 -13.28
C VAL A 247 10.35 -13.04 -14.20
N SER A 248 9.48 -13.98 -13.88
CA SER A 248 8.25 -14.14 -14.63
C SER A 248 7.30 -12.99 -14.32
N LEU A 249 6.50 -12.61 -15.33
CA LEU A 249 5.53 -11.54 -15.14
C LEU A 249 4.62 -11.82 -13.96
N GLN A 250 3.95 -12.98 -13.99
CA GLN A 250 2.96 -13.28 -12.95
C GLN A 250 3.59 -13.30 -11.56
N ASP A 251 4.86 -13.69 -11.45
CA ASP A 251 5.55 -13.58 -10.17
C ASP A 251 5.62 -12.12 -9.73
N LEU A 252 6.26 -11.27 -10.53
CA LEU A 252 6.36 -9.85 -10.18
C LEU A 252 4.99 -9.27 -9.81
N GLU A 253 3.94 -9.69 -10.53
CA GLU A 253 2.59 -9.24 -10.18
C GLU A 253 2.22 -9.67 -8.78
N LYS A 254 2.70 -10.83 -8.33
CA LYS A 254 2.39 -11.30 -6.98
C LYS A 254 3.13 -10.49 -5.92
N LEU A 255 4.40 -10.18 -6.15
CA LEU A 255 5.18 -9.45 -5.16
C LEU A 255 4.81 -7.96 -5.12
N SER A 256 4.32 -7.42 -6.23
CA SER A 256 3.97 -6.01 -6.31
C SER A 256 2.48 -5.74 -6.13
N GLY A 257 1.64 -6.78 -6.22
CA GLY A 257 0.20 -6.59 -6.13
C GLY A 257 -0.39 -5.80 -7.27
N LEU A 258 0.22 -5.87 -8.45
CA LEU A 258 -0.23 -5.16 -9.63
C LEU A 258 -0.51 -6.14 -10.76
N VAL A 259 -1.24 -5.66 -11.78
CA VAL A 259 -1.49 -6.41 -12.99
C VAL A 259 -1.06 -5.51 -14.15
N PHE A 260 0.05 -5.87 -14.80
CA PHE A 260 0.62 -5.05 -15.87
C PHE A 260 -0.06 -5.38 -17.21
N PHE A 261 -0.25 -4.34 -18.01
CA PHE A 261 -0.83 -4.45 -19.35
C PHE A 261 -2.07 -5.33 -19.33
N PRO A 262 -3.20 -4.83 -18.81
CA PRO A 262 -4.41 -5.67 -18.77
C PRO A 262 -4.90 -6.07 -20.16
N HIS A 263 -4.98 -5.12 -21.08
CA HIS A 263 -5.52 -5.40 -22.40
C HIS A 263 -4.68 -6.39 -23.19
N LEU A 264 -3.44 -6.63 -22.76
CA LEU A 264 -2.59 -7.60 -23.45
C LEU A 264 -3.21 -8.98 -23.42
N ASP A 265 -3.55 -9.50 -24.59
CA ASP A 265 -4.18 -10.82 -24.70
C ASP A 265 -3.17 -11.87 -24.26
N ARG A 266 -3.33 -12.40 -23.04
CA ARG A 266 -2.38 -13.36 -22.51
C ARG A 266 -2.57 -14.75 -23.11
N THR A 267 -3.74 -15.07 -23.66
CA THR A 267 -3.90 -16.31 -24.39
C THR A 267 -3.03 -16.33 -25.64
N SER A 268 -2.85 -15.17 -26.28
CA SER A 268 -2.03 -15.05 -27.47
C SER A 268 -0.60 -15.50 -27.22
N ASP A 269 0.23 -15.50 -28.25
CA ASP A 269 1.62 -15.91 -28.15
C ASP A 269 2.48 -14.71 -27.77
N ILE A 270 3.23 -14.83 -26.69
CA ILE A 270 4.16 -13.80 -26.24
C ILE A 270 5.50 -14.47 -25.95
N ARG A 271 6.58 -13.78 -26.28
CA ARG A 271 7.92 -14.36 -26.23
C ARG A 271 8.82 -13.58 -25.29
N ASN A 272 9.81 -14.28 -24.76
CA ASN A 272 10.78 -13.66 -23.86
C ASN A 272 11.60 -12.62 -24.62
N ILE A 273 11.69 -11.42 -24.05
CA ILE A 273 12.50 -10.37 -24.66
C ILE A 273 13.94 -10.82 -24.84
N CYS A 274 14.44 -11.67 -23.94
CA CYS A 274 15.83 -12.09 -23.97
C CYS A 274 16.09 -13.24 -24.93
N SER A 275 15.05 -13.86 -25.47
CA SER A 275 15.22 -14.88 -26.51
C SER A 275 15.15 -14.30 -27.91
N VAL A 276 14.52 -13.14 -28.09
CA VAL A 276 14.49 -12.44 -29.37
C VAL A 276 15.39 -11.23 -29.39
N ASP A 277 16.15 -10.99 -28.33
CA ASP A 277 17.05 -9.84 -28.24
C ASP A 277 18.23 -10.24 -27.38
N THR A 278 19.04 -9.26 -27.00
CA THR A 278 20.30 -9.53 -26.30
C THR A 278 20.13 -9.55 -24.78
N CYS A 279 19.41 -8.57 -24.22
CA CYS A 279 19.27 -8.45 -22.77
C CYS A 279 20.64 -8.31 -22.08
N LYS A 280 21.59 -7.66 -22.75
CA LYS A 280 22.93 -7.50 -22.21
C LYS A 280 23.31 -6.03 -22.25
N LEU A 281 23.68 -5.49 -21.10
CA LEU A 281 24.00 -4.08 -20.96
C LEU A 281 25.40 -3.81 -21.49
N LEU A 282 25.81 -2.54 -21.40
CA LEU A 282 27.14 -2.15 -21.87
C LEU A 282 28.21 -2.64 -20.91
N ASP A 283 29.33 -3.10 -21.47
CA ASP A 283 30.47 -3.50 -20.67
C ASP A 283 31.19 -2.25 -20.16
N PHE A 284 32.23 -2.47 -19.34
CA PHE A 284 32.96 -1.37 -18.74
C PHE A 284 33.51 -0.42 -19.81
N GLN A 285 34.04 -0.98 -20.90
CA GLN A 285 34.63 -0.15 -21.95
C GLN A 285 33.55 0.65 -22.69
N GLU A 286 32.44 0.01 -23.04
CA GLU A 286 31.38 0.71 -23.75
C GLU A 286 30.74 1.79 -22.88
N PHE A 287 30.41 1.44 -21.64
CA PHE A 287 29.78 2.41 -20.74
C PHE A 287 30.68 3.63 -20.54
N THR A 288 31.95 3.41 -20.18
CA THR A 288 32.86 4.51 -19.95
C THR A 288 32.99 5.39 -21.18
N LEU A 289 33.00 4.79 -22.37
CA LEU A 289 33.15 5.57 -23.59
C LEU A 289 31.89 6.37 -23.90
N TYR A 290 30.71 5.74 -23.74
CA TYR A 290 29.46 6.46 -23.97
C TYR A 290 29.38 7.71 -23.12
N LEU A 291 29.72 7.60 -21.83
CA LEU A 291 29.71 8.76 -20.96
C LEU A 291 30.73 9.80 -21.44
N SER A 292 31.95 9.35 -21.74
CA SER A 292 32.97 10.28 -22.24
C SER A 292 32.52 10.93 -23.54
N THR A 293 31.80 10.19 -24.39
CA THR A 293 31.33 10.76 -25.65
C THR A 293 30.23 11.78 -25.41
N ARG A 294 29.33 11.52 -24.46
CA ARG A 294 28.26 12.47 -24.18
C ARG A 294 28.71 13.60 -23.27
N LYS A 295 29.80 13.41 -22.51
CA LYS A 295 30.30 14.48 -21.65
C LYS A 295 30.81 15.66 -22.45
N ILE A 296 31.35 15.43 -23.66
CA ILE A 296 31.89 16.53 -24.45
C ILE A 296 30.77 17.44 -24.95
N GLU A 297 29.59 16.88 -25.23
CA GLU A 297 28.50 17.68 -25.77
C GLU A 297 28.19 18.88 -24.88
N GLY A 298 28.31 18.71 -23.57
CA GLY A 298 28.11 19.79 -22.63
C GLY A 298 29.38 20.48 -22.17
N ALA A 299 30.53 20.08 -22.69
CA ALA A 299 31.80 20.68 -22.29
C ALA A 299 31.98 22.01 -23.01
N ARG A 300 31.79 23.11 -22.28
CA ARG A 300 31.94 24.43 -22.88
C ARG A 300 33.40 24.77 -23.15
N SER A 301 34.28 24.44 -22.21
CA SER A 301 35.69 24.80 -22.30
C SER A 301 36.48 23.70 -22.99
N VAL A 302 37.68 24.08 -23.46
CA VAL A 302 38.61 23.10 -24.00
C VAL A 302 39.34 22.35 -22.89
N LEU A 303 39.40 22.92 -21.68
CA LEU A 303 40.03 22.23 -20.56
C LEU A 303 39.27 20.95 -20.22
N ARG A 304 37.94 21.00 -20.26
CA ARG A 304 37.14 19.81 -19.96
C ARG A 304 37.51 18.66 -20.88
N LEU A 305 37.69 18.95 -22.18
CA LEU A 305 38.04 17.88 -23.12
C LEU A 305 39.40 17.28 -22.79
N GLU A 306 40.34 18.08 -22.31
CA GLU A 306 41.64 17.55 -21.92
C GLU A 306 41.49 16.53 -20.81
N LYS A 307 40.70 16.85 -19.78
CA LYS A 307 40.53 15.93 -18.65
C LYS A 307 39.92 14.61 -19.09
N ILE A 308 38.97 14.67 -20.02
CA ILE A 308 38.32 13.44 -20.49
C ILE A 308 39.35 12.47 -21.04
N MET A 309 40.22 12.94 -21.93
CA MET A 309 41.26 12.09 -22.48
C MET A 309 42.18 11.58 -21.37
N GLU A 310 42.64 12.47 -20.49
CA GLU A 310 43.46 12.06 -19.37
C GLU A 310 42.75 11.00 -18.53
N ASN A 311 41.43 11.13 -18.36
CA ASN A 311 40.67 10.12 -17.65
C ASN A 311 40.48 8.88 -18.49
N LEU A 312 40.31 9.03 -19.80
CA LEU A 312 40.25 7.87 -20.69
C LEU A 312 41.55 7.09 -20.64
N LYS A 313 42.69 7.80 -20.69
CA LYS A 313 43.98 7.13 -20.56
C LYS A 313 44.11 6.46 -19.19
N ASN A 314 43.70 7.17 -18.14
CA ASN A 314 43.70 6.58 -16.80
C ASN A 314 42.75 5.40 -16.69
N ALA A 315 41.83 5.24 -17.64
CA ALA A 315 40.86 4.16 -17.61
C ALA A 315 41.34 2.89 -18.31
N GLU A 316 42.48 2.95 -19.02
CA GLU A 316 43.07 1.85 -19.77
C GLU A 316 42.35 1.62 -21.10
N ILE A 317 41.27 2.34 -21.38
CA ILE A 317 40.48 2.13 -22.58
C ILE A 317 41.31 2.52 -23.81
N GLU A 318 40.77 2.24 -24.99
CA GLU A 318 41.39 2.61 -26.26
C GLU A 318 40.35 3.39 -27.05
N PRO A 319 40.45 4.74 -27.11
CA PRO A 319 39.36 5.53 -27.69
C PRO A 319 38.92 5.06 -29.08
N ASP A 320 37.68 4.60 -29.19
CA ASP A 320 37.14 4.24 -30.49
C ASP A 320 37.11 5.45 -31.41
N ASP A 321 37.11 5.17 -32.71
CA ASP A 321 37.17 6.27 -33.68
C ASP A 321 35.93 7.13 -33.62
N TYR A 322 34.79 6.57 -33.22
CA TYR A 322 33.57 7.38 -33.12
C TYR A 322 33.78 8.53 -32.14
N PHE A 323 34.32 8.25 -30.96
CA PHE A 323 34.61 9.31 -30.00
C PHE A 323 35.63 10.30 -30.57
N MET A 324 36.56 9.81 -31.39
CA MET A 324 37.53 10.71 -32.00
C MET A 324 36.88 11.63 -33.03
N SER A 325 35.92 11.10 -33.80
CA SER A 325 35.19 11.95 -34.73
C SER A 325 34.42 13.04 -34.00
N ARG A 326 33.83 12.70 -32.84
CA ARG A 326 33.16 13.69 -32.01
C ARG A 326 34.13 14.44 -31.11
N TYR A 327 35.43 14.19 -31.23
CA TYR A 327 36.45 14.92 -30.49
C TYR A 327 37.05 16.07 -31.29
N GLU A 328 37.33 15.83 -32.58
CA GLU A 328 37.95 16.86 -33.41
C GLU A 328 36.94 17.92 -33.86
N LYS A 329 35.67 17.54 -33.97
CA LYS A 329 34.66 18.51 -34.39
C LYS A 329 34.37 19.53 -33.30
N LYS A 330 34.43 19.11 -32.03
CA LYS A 330 34.11 20.00 -30.92
C LYS A 330 35.32 20.75 -30.39
N LEU A 331 36.51 20.52 -30.94
CA LEU A 331 37.68 21.26 -30.51
C LEU A 331 37.65 22.72 -30.95
N GLU A 332 36.79 23.07 -31.90
CA GLU A 332 36.64 24.45 -32.34
C GLU A 332 36.42 25.40 -31.16
N SER B 36 -3.46 13.81 -27.74
CA SER B 36 -4.54 12.83 -27.59
C SER B 36 -4.15 11.49 -28.20
N ALA B 37 -3.41 11.55 -29.31
CA ALA B 37 -2.94 10.32 -29.96
C ALA B 37 -1.69 9.76 -29.28
N GLU B 38 -0.82 10.64 -28.77
CA GLU B 38 0.32 10.18 -27.99
C GLU B 38 -0.08 9.55 -26.67
N LYS B 39 -1.35 9.67 -26.28
CA LYS B 39 -1.88 9.01 -25.10
C LYS B 39 -2.47 7.65 -25.43
N ALA B 40 -3.22 7.57 -26.54
CA ALA B 40 -3.78 6.30 -26.97
C ALA B 40 -2.69 5.23 -27.12
N VAL B 41 -1.46 5.65 -27.44
CA VAL B 41 -0.37 4.70 -27.54
C VAL B 41 0.10 4.27 -26.15
N LEU B 42 0.06 5.16 -25.16
CA LEU B 42 0.33 4.76 -23.79
C LEU B 42 -0.70 3.76 -23.29
N GLU B 43 -1.98 4.13 -23.39
CA GLU B 43 -3.07 3.27 -22.94
C GLU B 43 -3.32 2.08 -23.84
N GLN B 44 -2.55 1.92 -24.93
CA GLN B 44 -2.84 0.87 -25.89
C GLN B 44 -2.98 -0.49 -25.21
N PHE B 45 -2.10 -0.80 -24.27
CA PHE B 45 -2.19 -2.02 -23.48
C PHE B 45 -2.70 -1.75 -22.07
N GLY B 46 -3.29 -0.57 -21.83
CA GLY B 46 -3.92 -0.27 -20.57
C GLY B 46 -2.94 0.08 -19.46
N PHE B 47 -3.39 0.87 -18.51
CA PHE B 47 -2.59 1.17 -17.34
C PHE B 47 -2.56 -0.05 -16.40
N PRO B 48 -1.53 -0.19 -15.58
CA PRO B 48 -1.51 -1.28 -14.60
C PRO B 48 -2.65 -1.12 -13.60
N LEU B 49 -3.16 -2.26 -13.13
CA LEU B 49 -4.28 -2.29 -12.20
C LEU B 49 -3.77 -2.40 -10.77
N THR B 50 -4.38 -1.60 -9.88
CA THR B 50 -4.02 -1.60 -8.47
C THR B 50 -5.06 -2.28 -7.58
N GLY B 51 -6.29 -2.45 -8.06
CA GLY B 51 -7.32 -3.10 -7.27
C GLY B 51 -7.77 -2.33 -6.06
N THR B 52 -7.56 -1.01 -6.04
CA THR B 52 -7.91 -0.18 -4.89
C THR B 52 -9.35 0.30 -4.93
N GLU B 53 -10.10 -0.01 -5.98
CA GLU B 53 -11.48 0.42 -6.07
C GLU B 53 -12.28 -0.09 -4.87
N ALA B 54 -13.28 0.68 -4.47
CA ALA B 54 -14.13 0.28 -3.36
C ALA B 54 -14.96 -0.95 -3.73
N ARG B 55 -15.16 -1.83 -2.75
CA ARG B 55 -15.98 -3.02 -2.92
C ARG B 55 -17.09 -2.96 -1.88
N CYS B 56 -18.32 -2.81 -2.34
CA CYS B 56 -19.46 -2.63 -1.45
C CYS B 56 -20.08 -3.98 -1.09
N TYR B 57 -20.60 -4.06 0.13
CA TYR B 57 -21.25 -5.27 0.62
C TYR B 57 -22.53 -4.89 1.34
N THR B 58 -23.13 -5.83 2.08
CA THR B 58 -24.44 -5.58 2.67
C THR B 58 -24.40 -4.44 3.68
N ASN B 59 -23.35 -4.41 4.52
CA ASN B 59 -23.27 -3.39 5.56
C ASN B 59 -21.86 -2.84 5.74
N HIS B 60 -21.01 -2.94 4.73
CA HIS B 60 -19.67 -2.35 4.83
C HIS B 60 -19.05 -2.30 3.44
N ALA B 61 -18.08 -1.40 3.30
CA ALA B 61 -17.27 -1.29 2.09
C ALA B 61 -15.81 -1.33 2.48
N LEU B 62 -14.94 -1.53 1.49
CA LEU B 62 -13.51 -1.64 1.78
C LEU B 62 -12.72 -1.46 0.49
N SER B 63 -11.46 -1.09 0.64
CA SER B 63 -10.48 -1.06 -0.44
C SER B 63 -9.40 -2.08 -0.10
N TYR B 64 -9.17 -3.03 -0.99
CA TYR B 64 -8.26 -4.14 -0.75
C TYR B 64 -6.86 -3.79 -1.21
N ASP B 65 -5.86 -4.22 -0.43
CA ASP B 65 -4.45 -4.05 -0.78
C ASP B 65 -3.95 -5.38 -1.34
N GLN B 66 -3.77 -5.44 -2.65
CA GLN B 66 -3.37 -6.68 -3.30
C GLN B 66 -1.95 -7.08 -2.95
N ALA B 67 -1.10 -6.15 -2.53
CA ALA B 67 0.28 -6.47 -2.21
C ALA B 67 0.41 -7.10 -0.83
N LYS B 68 -0.40 -6.67 0.13
CA LYS B 68 -0.33 -7.16 1.51
C LYS B 68 -1.42 -8.17 1.85
N ARG B 69 -2.35 -8.42 0.93
CA ARG B 69 -3.43 -9.38 1.16
C ARG B 69 -4.24 -9.02 2.42
N VAL B 70 -4.46 -7.73 2.61
CA VAL B 70 -5.25 -7.25 3.75
C VAL B 70 -6.03 -6.01 3.30
N PRO B 71 -7.12 -5.71 3.99
CA PRO B 71 -7.86 -4.48 3.67
C PRO B 71 -7.04 -3.25 4.04
N ARG B 72 -7.20 -2.20 3.24
CA ARG B 72 -6.53 -0.93 3.51
C ARG B 72 -7.39 -0.02 4.38
N TRP B 73 -8.69 0.03 4.10
CA TRP B 73 -9.66 0.67 4.98
C TRP B 73 -10.97 -0.07 4.85
N VAL B 74 -11.75 -0.06 5.93
CA VAL B 74 -13.05 -0.70 5.97
C VAL B 74 -14.03 0.27 6.60
N LEU B 75 -15.08 0.62 5.85
CA LEU B 75 -16.09 1.57 6.30
C LEU B 75 -17.36 0.83 6.66
N GLU B 76 -17.99 1.25 7.76
CA GLU B 76 -19.23 0.64 8.21
C GLU B 76 -20.09 1.70 8.88
N HIS B 77 -21.40 1.41 8.94
CA HIS B 77 -22.37 2.26 9.62
C HIS B 77 -23.24 1.37 10.50
N ILE B 78 -23.42 1.77 11.75
CA ILE B 78 -24.17 0.98 12.72
C ILE B 78 -25.17 1.86 13.43
N SER B 79 -26.20 1.20 13.98
CA SER B 79 -27.31 1.88 14.63
C SER B 79 -27.95 0.91 15.61
N LYS B 80 -28.91 1.42 16.38
CA LYS B 80 -29.62 0.58 17.35
C LYS B 80 -30.17 -0.68 16.69
N SER B 81 -30.72 -0.54 15.48
CA SER B 81 -31.42 -1.64 14.86
C SER B 81 -30.48 -2.71 14.30
N LYS B 82 -29.29 -2.32 13.85
CA LYS B 82 -28.41 -3.26 13.17
C LYS B 82 -27.66 -4.19 14.11
N ILE B 83 -27.52 -3.82 15.39
CA ILE B 83 -26.75 -4.63 16.33
C ILE B 83 -27.66 -5.58 17.08
N MET B 84 -28.87 -5.80 16.56
CA MET B 84 -29.82 -6.73 17.14
C MET B 84 -30.34 -7.67 16.05
N GLY B 85 -30.49 -8.93 16.40
CA GLY B 85 -30.96 -9.91 15.45
C GLY B 85 -30.57 -11.32 15.89
N ASP B 86 -30.92 -12.28 15.04
CA ASP B 86 -30.69 -13.68 15.32
C ASP B 86 -29.45 -14.25 14.63
N ALA B 87 -28.73 -13.44 13.85
CA ALA B 87 -27.54 -13.92 13.17
C ALA B 87 -26.50 -14.36 14.19
N ASP B 88 -25.86 -15.50 13.91
CA ASP B 88 -24.98 -16.17 14.86
C ASP B 88 -23.61 -16.38 14.24
N ARG B 89 -22.56 -16.08 15.00
CA ARG B 89 -21.20 -16.29 14.52
C ARG B 89 -21.00 -17.75 14.14
N LYS B 90 -21.27 -18.66 15.07
CA LYS B 90 -20.82 -20.04 14.93
C LYS B 90 -21.35 -20.70 13.66
N HIS B 91 -22.35 -20.11 13.01
CA HIS B 91 -22.81 -20.57 11.72
C HIS B 91 -22.13 -19.83 10.56
N CYS B 92 -20.96 -19.25 10.81
CA CYS B 92 -20.19 -18.54 9.80
C CYS B 92 -18.80 -19.17 9.71
N LYS B 93 -18.11 -18.85 8.61
CA LYS B 93 -16.79 -19.42 8.33
C LYS B 93 -15.90 -18.36 7.71
N PHE B 94 -14.64 -18.33 8.14
CA PHE B 94 -13.62 -17.57 7.42
C PHE B 94 -13.34 -18.24 6.08
N LYS B 95 -13.26 -17.44 5.02
CA LYS B 95 -12.90 -17.96 3.72
C LYS B 95 -12.60 -16.80 2.78
N PRO B 96 -11.94 -17.07 1.65
CA PRO B 96 -11.59 -15.99 0.73
C PRO B 96 -12.82 -15.31 0.16
N ASP B 97 -12.78 -13.99 0.13
CA ASP B 97 -13.76 -13.21 -0.60
C ASP B 97 -13.75 -13.66 -2.06
N PRO B 98 -14.88 -14.16 -2.59
CA PRO B 98 -14.86 -14.68 -3.98
C PRO B 98 -14.67 -13.59 -5.03
N ASN B 99 -14.82 -12.31 -4.67
CA ASN B 99 -14.60 -11.22 -5.60
C ASN B 99 -13.13 -10.81 -5.67
N ILE B 100 -12.26 -11.51 -4.97
CA ILE B 100 -10.83 -11.22 -4.96
C ILE B 100 -10.13 -12.26 -5.83
N PRO B 101 -9.33 -11.86 -6.82
CA PRO B 101 -8.58 -12.85 -7.61
C PRO B 101 -7.75 -13.74 -6.70
N PRO B 102 -7.81 -15.06 -6.88
CA PRO B 102 -7.00 -15.95 -6.03
C PRO B 102 -5.54 -15.56 -5.99
N THR B 103 -5.05 -14.88 -7.03
CA THR B 103 -3.65 -14.48 -7.08
C THR B 103 -3.30 -13.54 -5.94
N PHE B 104 -4.19 -12.61 -5.61
CA PHE B 104 -3.94 -11.60 -4.58
C PHE B 104 -4.74 -11.84 -3.31
N SER B 105 -5.34 -13.02 -3.15
CA SER B 105 -6.20 -13.30 -2.01
C SER B 105 -5.44 -14.03 -0.92
N ALA B 106 -5.90 -13.83 0.32
CA ALA B 106 -5.40 -14.60 1.45
C ALA B 106 -6.24 -15.86 1.64
N PHE B 107 -5.66 -16.82 2.36
CA PHE B 107 -6.32 -18.10 2.61
C PHE B 107 -6.08 -18.51 4.04
N ASN B 108 -7.03 -19.25 4.61
CA ASN B 108 -6.94 -19.65 6.01
C ASN B 108 -5.61 -20.33 6.31
N GLU B 109 -5.04 -21.03 5.32
CA GLU B 109 -3.74 -21.67 5.53
C GLU B 109 -2.68 -20.66 5.91
N ASP B 110 -2.81 -19.42 5.43
CA ASP B 110 -1.85 -18.38 5.78
C ASP B 110 -1.94 -17.99 7.26
N TYR B 111 -3.14 -18.05 7.84
CA TYR B 111 -3.35 -17.60 9.21
C TYR B 111 -3.19 -18.72 10.23
N VAL B 112 -3.80 -19.87 9.98
CA VAL B 112 -3.83 -20.95 10.96
C VAL B 112 -2.40 -21.43 11.21
N GLY B 113 -1.95 -21.33 12.46
CA GLY B 113 -0.62 -21.76 12.83
C GLY B 113 0.46 -20.73 12.66
N SER B 114 0.14 -19.53 12.19
CA SER B 114 1.13 -18.48 12.00
C SER B 114 1.50 -17.77 13.28
N GLY B 115 0.76 -18.00 14.37
CA GLY B 115 0.95 -17.25 15.59
C GLY B 115 0.10 -16.00 15.69
N TRP B 116 -0.76 -15.75 14.72
CA TRP B 116 -1.62 -14.57 14.70
C TRP B 116 -3.05 -15.00 14.44
N SER B 117 -3.99 -14.22 14.97
CA SER B 117 -5.40 -14.52 14.80
C SER B 117 -5.96 -13.81 13.57
N ARG B 118 -7.18 -14.18 13.20
CA ARG B 118 -7.91 -13.52 12.13
C ARG B 118 -8.77 -12.43 12.75
N GLY B 119 -8.38 -11.17 12.55
CA GLY B 119 -9.10 -10.06 13.14
C GLY B 119 -9.97 -9.32 12.14
N ALA B 120 -11.28 -9.38 12.33
CA ALA B 120 -12.21 -8.70 11.44
C ALA B 120 -12.27 -7.21 11.77
N MET B 121 -12.18 -6.38 10.72
CA MET B 121 -12.25 -4.94 10.91
C MET B 121 -13.70 -4.45 10.98
N ALA B 122 -14.55 -4.93 10.08
CA ALA B 122 -15.98 -4.73 10.21
C ALA B 122 -16.50 -5.80 11.16
N PRO B 123 -16.87 -5.46 12.40
CA PRO B 123 -17.20 -6.51 13.38
C PRO B 123 -18.44 -7.28 12.99
N ALA B 124 -18.43 -8.59 13.29
CA ALA B 124 -19.62 -9.40 13.10
C ALA B 124 -20.74 -8.94 14.01
N GLY B 125 -20.42 -8.60 15.26
CA GLY B 125 -21.42 -8.13 16.20
C GLY B 125 -22.17 -6.90 15.74
N ASN B 126 -21.60 -6.16 14.79
CA ASN B 126 -22.26 -4.99 14.21
C ASN B 126 -23.26 -5.35 13.12
N ASN B 127 -23.48 -6.63 12.85
CA ASN B 127 -24.37 -7.07 11.78
C ASN B 127 -25.24 -8.22 12.25
N LYS B 128 -25.71 -8.16 13.49
CA LYS B 128 -26.60 -9.19 14.00
C LYS B 128 -27.92 -9.24 13.25
N PHE B 129 -28.27 -8.16 12.54
CA PHE B 129 -29.57 -8.06 11.89
C PHE B 129 -29.66 -8.84 10.59
N SER B 130 -28.53 -9.21 9.99
CA SER B 130 -28.54 -9.84 8.67
C SER B 130 -27.56 -11.00 8.66
N SER B 131 -28.08 -12.20 8.37
CA SER B 131 -27.21 -13.37 8.26
C SER B 131 -26.25 -13.24 7.08
N LYS B 132 -26.68 -12.58 6.01
CA LYS B 132 -25.79 -12.38 4.86
C LYS B 132 -24.71 -11.36 5.18
N ALA B 133 -25.07 -10.25 5.84
CA ALA B 133 -24.09 -9.22 6.17
C ALA B 133 -22.99 -9.79 7.06
N MET B 134 -23.36 -10.48 8.13
CA MET B 134 -22.36 -11.04 9.03
C MET B 134 -21.44 -11.99 8.28
N ALA B 135 -21.99 -12.79 7.36
CA ALA B 135 -21.18 -13.75 6.62
C ALA B 135 -20.09 -13.04 5.81
N GLU B 136 -20.39 -11.85 5.29
CA GLU B 136 -19.43 -11.12 4.45
C GLU B 136 -18.34 -10.43 5.27
N THR B 137 -18.49 -10.35 6.59
CA THR B 137 -17.40 -9.87 7.43
C THR B 137 -16.36 -10.94 7.71
N PHE B 138 -16.66 -12.20 7.41
CA PHE B 138 -15.71 -13.29 7.55
C PHE B 138 -14.92 -13.54 6.27
N TYR B 139 -15.23 -12.83 5.20
CA TYR B 139 -14.34 -12.81 4.04
C TYR B 139 -12.99 -12.27 4.44
N LEU B 140 -11.92 -12.96 4.02
CA LEU B 140 -10.58 -12.54 4.40
C LEU B 140 -10.22 -11.16 3.88
N SER B 141 -11.01 -10.60 2.97
CA SER B 141 -10.82 -9.21 2.56
C SER B 141 -11.06 -8.24 3.71
N ASN B 142 -11.76 -8.68 4.76
CA ASN B 142 -12.07 -7.86 5.93
C ASN B 142 -11.22 -8.23 7.13
N ILE B 143 -10.14 -9.00 6.93
CA ILE B 143 -9.36 -9.59 8.02
C ILE B 143 -7.92 -9.10 7.94
N VAL B 144 -7.31 -8.95 9.11
CA VAL B 144 -5.88 -8.65 9.20
C VAL B 144 -5.27 -9.58 10.25
N PRO B 145 -3.98 -9.93 10.14
CA PRO B 145 -3.32 -10.66 11.24
C PRO B 145 -3.27 -9.80 12.49
N GLN B 146 -3.89 -10.29 13.56
CA GLN B 146 -4.02 -9.54 14.80
C GLN B 146 -3.59 -10.40 15.98
N ASP B 147 -2.86 -9.79 16.91
CA ASP B 147 -2.47 -10.48 18.12
C ASP B 147 -3.68 -11.07 18.82
N PHE B 148 -3.57 -12.35 19.21
CA PHE B 148 -4.70 -13.06 19.80
C PHE B 148 -5.29 -12.30 20.97
N ASP B 149 -4.45 -11.87 21.92
CA ASP B 149 -4.94 -11.14 23.08
C ASP B 149 -5.58 -9.82 22.66
N ASN B 150 -4.92 -9.09 21.76
CA ASN B 150 -5.47 -7.81 21.30
C ASN B 150 -6.85 -8.00 20.66
N ASN B 151 -6.97 -8.99 19.77
CA ASN B 151 -8.21 -9.22 19.05
C ASN B 151 -9.38 -9.42 20.01
N SER B 152 -9.21 -10.29 21.01
CA SER B 152 -10.29 -10.62 21.92
C SER B 152 -10.42 -9.63 23.06
N GLY B 153 -9.39 -8.82 23.33
CA GLY B 153 -9.39 -7.94 24.47
C GLY B 153 -9.63 -6.49 24.13
N TYR B 154 -8.55 -5.71 24.05
CA TYR B 154 -8.67 -4.26 23.92
C TYR B 154 -9.46 -3.88 22.67
N TRP B 155 -9.06 -4.42 21.51
CA TRP B 155 -9.76 -4.07 20.27
C TRP B 155 -11.24 -4.47 20.36
N ASN B 156 -11.51 -5.63 20.95
CA ASN B 156 -12.90 -6.04 21.15
C ASN B 156 -13.65 -5.00 21.97
N ARG B 157 -13.02 -4.50 23.04
CA ARG B 157 -13.66 -3.49 23.87
C ARG B 157 -13.85 -2.18 23.11
N ILE B 158 -12.96 -1.87 22.17
CA ILE B 158 -13.17 -0.68 21.35
C ILE B 158 -14.37 -0.86 20.44
N GLU B 159 -14.51 -2.03 19.83
CA GLU B 159 -15.69 -2.30 19.02
C GLU B 159 -16.97 -2.23 19.87
N MET B 160 -16.87 -2.64 21.15
CA MET B 160 -18.01 -2.50 22.05
C MET B 160 -18.38 -1.05 22.26
N TYR B 161 -17.39 -0.18 22.47
CA TYR B 161 -17.68 1.23 22.69
C TYR B 161 -18.38 1.85 21.48
N CYS B 162 -18.07 1.38 20.27
CA CYS B 162 -18.77 1.88 19.09
C CYS B 162 -20.24 1.47 19.12
N ARG B 163 -20.53 0.22 19.47
CA ARG B 163 -21.93 -0.19 19.61
C ARG B 163 -22.60 0.52 20.77
N GLU B 164 -21.82 0.90 21.80
CA GLU B 164 -22.39 1.62 22.92
C GLU B 164 -22.83 3.02 22.51
N LEU B 165 -22.15 3.63 21.54
CA LEU B 165 -22.51 4.98 21.10
C LEU B 165 -23.87 5.02 20.43
N THR B 166 -24.37 3.90 19.90
CA THR B 166 -25.69 3.89 19.29
C THR B 166 -26.80 4.14 20.29
N GLU B 167 -26.51 4.03 21.59
CA GLU B 167 -27.49 4.39 22.61
C GLU B 167 -27.66 5.89 22.74
N ARG B 168 -26.65 6.68 22.33
CA ARG B 168 -26.67 8.13 22.47
C ARG B 168 -26.51 8.88 21.16
N PHE B 169 -26.13 8.20 20.09
CA PHE B 169 -26.11 8.77 18.74
C PHE B 169 -26.87 7.82 17.84
N GLU B 170 -27.79 8.36 17.03
CA GLU B 170 -28.60 7.49 16.18
C GLU B 170 -27.80 6.92 15.02
N ASP B 171 -26.78 7.62 14.55
CA ASP B 171 -25.95 7.17 13.45
C ASP B 171 -24.48 7.38 13.79
N VAL B 172 -23.67 6.35 13.56
CA VAL B 172 -22.23 6.45 13.74
C VAL B 172 -21.54 5.71 12.61
N TRP B 173 -20.50 6.33 12.05
CA TRP B 173 -19.68 5.73 11.00
C TRP B 173 -18.31 5.38 11.58
N VAL B 174 -17.76 4.26 11.15
CA VAL B 174 -16.48 3.79 11.64
C VAL B 174 -15.62 3.37 10.45
N VAL B 175 -14.38 3.86 10.41
CA VAL B 175 -13.38 3.41 9.44
C VAL B 175 -12.26 2.75 10.22
N SER B 176 -11.86 1.55 9.79
CA SER B 176 -10.83 0.79 10.47
C SER B 176 -9.91 0.17 9.45
N GLY B 177 -8.63 0.03 9.83
CA GLY B 177 -7.66 -0.56 8.95
C GLY B 177 -6.32 -0.79 9.63
N PRO B 178 -5.36 -1.35 8.88
CA PRO B 178 -4.04 -1.61 9.45
C PRO B 178 -3.01 -0.53 9.16
N LEU B 179 -1.91 -0.52 9.90
CA LEU B 179 -0.81 0.41 9.69
C LEU B 179 0.51 -0.31 9.88
N THR B 180 1.52 0.14 9.12
CA THR B 180 2.90 -0.35 9.26
C THR B 180 3.76 0.89 9.52
N LEU B 181 3.93 1.23 10.80
CA LEU B 181 4.57 2.48 11.17
C LEU B 181 6.06 2.29 11.40
N PRO B 182 6.85 3.35 11.27
CA PRO B 182 8.30 3.22 11.41
C PRO B 182 8.73 3.10 12.87
N GLN B 183 10.04 2.96 13.06
CA GLN B 183 10.65 2.94 14.38
C GLN B 183 12.08 3.46 14.23
N THR B 184 12.49 4.33 15.16
CA THR B 184 13.80 4.94 15.12
C THR B 184 14.80 4.06 15.88
N ARG B 185 15.84 3.62 15.20
CA ARG B 185 16.90 2.88 15.85
C ARG B 185 17.75 3.82 16.71
N GLY B 186 18.69 3.23 17.45
CA GLY B 186 19.59 4.04 18.26
C GLY B 186 20.47 4.94 17.42
N ASP B 187 20.94 4.44 16.27
CA ASP B 187 21.80 5.22 15.40
C ASP B 187 21.05 6.28 14.60
N GLY B 188 19.73 6.42 14.79
CA GLY B 188 18.96 7.48 14.18
C GLY B 188 18.14 7.06 12.98
N LYS B 189 18.42 5.90 12.39
CA LYS B 189 17.69 5.47 11.21
C LYS B 189 16.28 5.03 11.57
N LYS B 190 15.33 5.39 10.72
CA LYS B 190 13.92 5.05 10.91
C LYS B 190 13.58 3.86 10.01
N ILE B 191 13.05 2.80 10.62
CA ILE B 191 12.84 1.53 9.94
C ILE B 191 11.37 1.13 10.09
N VAL B 192 10.76 0.76 8.97
CA VAL B 192 9.46 0.09 8.96
C VAL B 192 9.74 -1.40 8.86
N SER B 193 9.20 -2.18 9.81
CA SER B 193 9.39 -3.62 9.80
C SER B 193 8.10 -4.31 10.19
N TYR B 194 7.78 -5.39 9.51
CA TYR B 194 6.61 -6.19 9.84
C TYR B 194 6.77 -7.59 9.26
N GLN B 195 6.24 -8.56 9.99
CA GLN B 195 6.28 -9.94 9.55
C GLN B 195 5.21 -10.19 8.48
N VAL B 196 5.52 -11.10 7.57
CA VAL B 196 4.56 -11.61 6.60
C VAL B 196 4.43 -13.11 6.83
N ILE B 197 3.20 -13.60 6.78
CA ILE B 197 2.89 -14.98 7.18
C ILE B 197 2.31 -15.74 6.00
N GLY B 198 2.46 -17.05 6.05
CA GLY B 198 1.89 -17.93 5.04
C GLY B 198 2.62 -17.87 3.72
N GLU B 199 2.13 -18.66 2.77
CA GLU B 199 2.70 -18.67 1.43
C GLU B 199 2.44 -17.35 0.71
N ASP B 200 1.28 -16.75 0.95
CA ASP B 200 0.87 -15.55 0.23
C ASP B 200 1.46 -14.27 0.83
N ASN B 201 2.29 -14.37 1.86
CA ASN B 201 2.93 -13.22 2.49
C ASN B 201 1.89 -12.16 2.86
N VAL B 202 1.05 -12.53 3.82
CA VAL B 202 0.07 -11.60 4.38
C VAL B 202 0.76 -10.75 5.43
N ALA B 203 0.60 -9.43 5.31
CA ALA B 203 1.33 -8.50 6.16
C ALA B 203 0.68 -8.40 7.54
N VAL B 204 1.52 -8.40 8.57
CA VAL B 204 1.07 -8.25 9.95
C VAL B 204 1.30 -6.79 10.36
N PRO B 205 0.25 -6.00 10.57
CA PRO B 205 0.46 -4.58 10.87
C PRO B 205 1.09 -4.39 12.24
N SER B 206 1.81 -3.28 12.37
CA SER B 206 2.33 -2.88 13.69
C SER B 206 1.25 -2.22 14.53
N HIS B 207 0.34 -1.48 13.89
CA HIS B 207 -0.75 -0.82 14.59
C HIS B 207 -2.03 -0.98 13.79
N LEU B 208 -3.15 -0.72 14.45
CA LEU B 208 -4.46 -0.65 13.82
C LEU B 208 -5.07 0.71 14.12
N TYR B 209 -5.79 1.26 13.14
CA TYR B 209 -6.42 2.56 13.30
C TYR B 209 -7.94 2.40 13.27
N LYS B 210 -8.61 3.37 13.89
CA LYS B 210 -10.07 3.44 13.82
C LYS B 210 -10.48 4.90 13.86
N VAL B 211 -11.36 5.30 12.94
CA VAL B 211 -11.91 6.64 12.89
C VAL B 211 -13.41 6.54 13.16
N ILE B 212 -13.89 7.35 14.11
CA ILE B 212 -15.28 7.29 14.56
C ILE B 212 -15.92 8.64 14.28
N LEU B 213 -17.07 8.61 13.60
CA LEU B 213 -17.85 9.81 13.31
C LEU B 213 -19.29 9.54 13.70
N ALA B 214 -19.85 10.38 14.56
CA ALA B 214 -21.19 10.18 15.10
C ALA B 214 -21.97 11.48 15.04
N ARG B 215 -23.19 11.42 14.51
CA ARG B 215 -24.11 12.54 14.52
C ARG B 215 -25.29 12.21 15.43
N ARG B 216 -25.62 13.15 16.32
CA ARG B 216 -26.65 12.89 17.32
C ARG B 216 -27.97 12.51 16.67
N SER B 217 -28.36 13.23 15.62
CA SER B 217 -29.65 12.98 14.97
C SER B 217 -29.59 13.47 13.54
N SER B 218 -30.47 12.91 12.72
CA SER B 218 -30.59 13.36 11.33
C SER B 218 -31.31 14.68 11.20
N VAL B 219 -32.05 15.11 12.22
CA VAL B 219 -32.80 16.36 12.17
C VAL B 219 -32.13 17.47 12.97
N SER B 220 -31.30 17.13 13.95
CA SER B 220 -30.59 18.14 14.72
C SER B 220 -29.39 18.66 13.91
N THR B 221 -28.80 19.74 14.41
CA THR B 221 -27.57 20.29 13.84
C THR B 221 -26.52 20.48 14.92
N GLU B 222 -26.57 19.67 15.97
CA GLU B 222 -25.47 19.63 16.92
C GLU B 222 -24.18 19.32 16.16
N PRO B 223 -23.05 19.94 16.52
CA PRO B 223 -21.80 19.63 15.82
C PRO B 223 -21.50 18.14 15.86
N LEU B 224 -21.02 17.61 14.74
CA LEU B 224 -20.63 16.21 14.68
C LEU B 224 -19.45 15.98 15.62
N ALA B 225 -19.33 14.74 16.11
CA ALA B 225 -18.26 14.33 16.99
C ALA B 225 -17.37 13.34 16.26
N LEU B 226 -16.06 13.55 16.31
CA LEU B 226 -15.11 12.69 15.62
C LEU B 226 -13.91 12.39 16.50
N GLY B 227 -13.50 11.12 16.51
CA GLY B 227 -12.28 10.72 17.16
C GLY B 227 -11.50 9.75 16.31
N ALA B 228 -10.17 9.86 16.32
CA ALA B 228 -9.28 8.97 15.59
C ALA B 228 -8.29 8.35 16.55
N PHE B 229 -8.02 7.05 16.37
CA PHE B 229 -7.22 6.30 17.34
C PHE B 229 -6.30 5.32 16.60
N VAL B 230 -5.10 5.16 17.15
CA VAL B 230 -4.08 4.26 16.61
C VAL B 230 -3.58 3.39 17.76
N VAL B 231 -3.89 2.11 17.72
CA VAL B 231 -3.52 1.18 18.79
CA VAL B 231 -3.51 1.19 18.79
C VAL B 231 -2.45 0.23 18.26
N PRO B 232 -1.44 -0.14 19.07
CA PRO B 232 -0.45 -1.11 18.60
C PRO B 232 -1.01 -2.51 18.58
N ASN B 233 -0.49 -3.33 17.67
CA ASN B 233 -0.98 -4.69 17.45
C ASN B 233 -0.27 -5.64 18.41
N GLU B 234 -0.59 -5.46 19.70
CA GLU B 234 -0.03 -6.29 20.75
C GLU B 234 -1.00 -6.31 21.92
N ALA B 235 -0.71 -7.18 22.89
CA ALA B 235 -1.61 -7.34 24.04
C ALA B 235 -1.68 -6.06 24.86
N ILE B 236 -2.89 -5.69 25.26
CA ILE B 236 -3.14 -4.50 26.06
C ILE B 236 -4.13 -4.85 27.17
N GLY B 237 -3.93 -4.29 28.34
CA GLY B 237 -4.75 -4.58 29.51
C GLY B 237 -5.89 -3.60 29.69
N PHE B 238 -6.34 -3.46 30.94
CA PHE B 238 -7.47 -2.61 31.27
C PHE B 238 -7.05 -1.26 31.83
N GLN B 239 -5.76 -1.03 32.05
CA GLN B 239 -5.33 0.25 32.60
C GLN B 239 -5.35 1.34 31.54
N PRO B 240 -4.81 1.11 30.35
CA PRO B 240 -4.75 2.19 29.36
C PRO B 240 -6.14 2.66 28.96
N GLN B 241 -6.32 3.98 28.96
CA GLN B 241 -7.57 4.59 28.54
CA GLN B 241 -7.58 4.59 28.54
C GLN B 241 -7.54 4.84 27.04
N LEU B 242 -8.71 4.72 26.41
CA LEU B 242 -8.79 4.88 24.96
C LEU B 242 -8.18 6.20 24.51
N THR B 243 -8.26 7.24 25.33
CA THR B 243 -7.73 8.54 24.94
C THR B 243 -6.22 8.52 24.79
N GLU B 244 -5.54 7.54 25.38
CA GLU B 244 -4.08 7.46 25.25
C GLU B 244 -3.66 7.16 23.83
N PHE B 245 -4.52 6.51 23.05
CA PHE B 245 -4.22 6.17 21.66
C PHE B 245 -4.84 7.14 20.67
N GLN B 246 -5.44 8.22 21.15
CA GLN B 246 -6.11 9.17 20.26
C GLN B 246 -5.09 10.04 19.54
N VAL B 247 -5.37 10.33 18.28
CA VAL B 247 -4.55 11.20 17.45
C VAL B 247 -5.48 12.15 16.72
N SER B 248 -4.89 13.10 15.99
CA SER B 248 -5.67 14.00 15.16
C SER B 248 -5.93 13.36 13.81
N LEU B 249 -7.00 13.83 13.15
CA LEU B 249 -7.33 13.32 11.83
C LEU B 249 -6.20 13.58 10.84
N GLN B 250 -5.56 14.75 10.95
CA GLN B 250 -4.45 15.06 10.06
C GLN B 250 -3.30 14.10 10.27
N ASP B 251 -2.90 13.87 11.52
CA ASP B 251 -1.79 12.97 11.81
C ASP B 251 -2.06 11.58 11.26
N LEU B 252 -3.29 11.08 11.41
CA LEU B 252 -3.61 9.75 10.90
C LEU B 252 -3.53 9.71 9.38
N GLU B 253 -4.13 10.71 8.72
CA GLU B 253 -4.13 10.73 7.25
C GLU B 253 -2.71 10.75 6.69
N LYS B 254 -1.78 11.40 7.41
CA LYS B 254 -0.39 11.40 6.95
C LYS B 254 0.25 10.02 7.11
N LEU B 255 0.04 9.39 8.27
CA LEU B 255 0.58 8.05 8.48
C LEU B 255 -0.01 7.06 7.49
N SER B 256 -1.34 7.07 7.34
CA SER B 256 -2.02 6.05 6.54
C SER B 256 -2.02 6.37 5.05
N GLY B 257 -1.75 7.61 4.66
CA GLY B 257 -1.85 7.98 3.27
C GLY B 257 -3.27 8.02 2.76
N LEU B 258 -4.24 8.18 3.65
CA LEU B 258 -5.65 8.20 3.29
C LEU B 258 -6.26 9.54 3.66
N VAL B 259 -7.45 9.79 3.11
CA VAL B 259 -8.27 10.94 3.49
C VAL B 259 -9.65 10.40 3.85
N PHE B 260 -10.06 10.58 5.10
CA PHE B 260 -11.28 9.99 5.62
C PHE B 260 -12.43 10.97 5.53
N PHE B 261 -13.60 10.48 5.10
CA PHE B 261 -14.82 11.27 5.02
C PHE B 261 -14.56 12.55 4.24
N PRO B 262 -14.41 12.47 2.92
CA PRO B 262 -14.08 13.68 2.15
C PRO B 262 -15.21 14.71 2.14
N HIS B 263 -16.45 14.27 1.93
CA HIS B 263 -17.58 15.19 1.85
C HIS B 263 -17.85 15.92 3.17
N LEU B 264 -17.24 15.47 4.26
CA LEU B 264 -17.40 16.15 5.54
C LEU B 264 -16.75 17.53 5.47
N ASP B 265 -17.54 18.57 5.71
CA ASP B 265 -17.01 19.93 5.71
C ASP B 265 -16.10 20.12 6.92
N ARG B 266 -14.81 20.38 6.67
CA ARG B 266 -13.85 20.49 7.74
C ARG B 266 -13.70 21.90 8.29
N THR B 267 -14.30 22.89 7.63
CA THR B 267 -14.34 24.25 8.18
C THR B 267 -15.47 24.43 9.17
N SER B 268 -16.47 23.57 9.15
CA SER B 268 -17.59 23.65 10.08
C SER B 268 -17.12 23.32 11.49
N ASP B 269 -18.07 23.17 12.41
CA ASP B 269 -17.77 22.89 13.81
C ASP B 269 -17.84 21.39 14.03
N ILE B 270 -16.69 20.79 14.36
CA ILE B 270 -16.59 19.37 14.65
C ILE B 270 -15.91 19.22 16.00
N ARG B 271 -16.45 18.36 16.85
CA ARG B 271 -16.02 18.25 18.23
C ARG B 271 -15.23 16.96 18.45
N ASN B 272 -14.32 17.01 19.42
CA ASN B 272 -13.62 15.81 19.85
C ASN B 272 -14.60 14.90 20.57
N ILE B 273 -14.78 13.67 20.03
CA ILE B 273 -15.77 12.77 20.59
C ILE B 273 -15.51 12.49 22.06
N CYS B 274 -14.23 12.48 22.47
CA CYS B 274 -13.90 12.21 23.87
C CYS B 274 -14.25 13.36 24.79
N SER B 275 -14.65 14.51 24.24
CA SER B 275 -15.19 15.60 25.06
C SER B 275 -16.71 15.55 25.12
N VAL B 276 -17.35 15.17 24.02
CA VAL B 276 -18.81 15.07 24.00
C VAL B 276 -19.27 13.79 24.68
N ASP B 277 -18.56 12.69 24.45
CA ASP B 277 -18.89 11.42 25.07
C ASP B 277 -17.78 11.04 26.05
N THR B 278 -17.69 9.75 26.38
CA THR B 278 -16.84 9.31 27.47
C THR B 278 -15.50 8.73 27.03
N CYS B 279 -15.44 8.05 25.87
CA CYS B 279 -14.23 7.35 25.44
C CYS B 279 -13.71 6.46 26.57
N LYS B 280 -14.61 5.76 27.24
CA LYS B 280 -14.28 4.92 28.38
C LYS B 280 -14.62 3.48 28.04
N LEU B 281 -13.61 2.62 28.00
CA LEU B 281 -13.81 1.21 27.74
C LEU B 281 -14.22 0.49 29.03
N LEU B 282 -14.85 -0.66 28.85
CA LEU B 282 -15.24 -1.49 30.00
C LEU B 282 -14.01 -1.89 30.79
N ASP B 283 -14.15 -1.87 32.12
CA ASP B 283 -13.09 -2.39 32.97
C ASP B 283 -13.22 -3.90 33.08
N PHE B 284 -12.38 -4.52 33.91
CA PHE B 284 -12.34 -5.97 33.99
C PHE B 284 -13.68 -6.53 34.46
N GLN B 285 -14.24 -5.96 35.52
CA GLN B 285 -15.45 -6.52 36.11
C GLN B 285 -16.59 -6.53 35.09
N GLU B 286 -16.91 -5.36 34.54
CA GLU B 286 -18.04 -5.28 33.62
C GLU B 286 -17.75 -5.92 32.27
N PHE B 287 -16.48 -6.07 31.90
CA PHE B 287 -16.16 -6.76 30.65
C PHE B 287 -16.42 -8.26 30.78
N THR B 288 -15.88 -8.89 31.82
CA THR B 288 -16.16 -10.30 32.03
C THR B 288 -17.62 -10.56 32.32
N LEU B 289 -18.29 -9.61 33.00
CA LEU B 289 -19.72 -9.75 33.24
C LEU B 289 -20.50 -9.78 31.93
N TYR B 290 -20.16 -8.88 31.00
CA TYR B 290 -20.82 -8.86 29.71
C TYR B 290 -20.64 -10.19 28.97
N LEU B 291 -19.43 -10.75 29.02
CA LEU B 291 -19.19 -12.03 28.36
C LEU B 291 -20.04 -13.13 28.98
N SER B 292 -20.05 -13.21 30.31
CA SER B 292 -20.83 -14.26 30.97
C SER B 292 -22.30 -14.18 30.58
N THR B 293 -22.83 -12.96 30.43
CA THR B 293 -24.22 -12.82 30.02
C THR B 293 -24.44 -13.35 28.61
N ARG B 294 -23.55 -13.02 27.68
CA ARG B 294 -23.68 -13.52 26.32
C ARG B 294 -23.58 -15.03 26.26
N LYS B 295 -22.85 -15.64 27.19
CA LYS B 295 -22.71 -17.10 27.20
C LYS B 295 -23.93 -17.80 27.76
N ILE B 296 -24.81 -17.09 28.45
CA ILE B 296 -26.05 -17.70 28.94
C ILE B 296 -26.88 -18.21 27.78
N GLU B 297 -26.95 -17.44 26.69
CA GLU B 297 -27.76 -17.83 25.54
C GLU B 297 -27.31 -19.19 24.99
N GLY B 298 -26.00 -19.44 24.96
CA GLY B 298 -25.48 -20.68 24.43
C GLY B 298 -25.53 -21.85 25.39
N ALA B 299 -25.87 -21.62 26.65
CA ALA B 299 -25.93 -22.71 27.61
C ALA B 299 -27.02 -23.70 27.21
N ARG B 300 -26.63 -24.96 26.99
CA ARG B 300 -27.53 -26.01 26.56
C ARG B 300 -27.91 -26.97 27.67
N SER B 301 -27.22 -26.93 28.81
CA SER B 301 -27.55 -27.77 29.95
C SER B 301 -27.52 -26.92 31.21
N VAL B 302 -28.35 -27.30 32.19
CA VAL B 302 -28.38 -26.56 33.45
C VAL B 302 -27.00 -26.54 34.09
N LEU B 303 -26.29 -27.67 34.05
CA LEU B 303 -24.99 -27.74 34.69
C LEU B 303 -23.98 -26.83 34.01
N ARG B 304 -24.05 -26.73 32.68
CA ARG B 304 -23.19 -25.78 31.97
C ARG B 304 -23.52 -24.35 32.38
N LEU B 305 -24.81 -24.04 32.53
CA LEU B 305 -25.21 -22.69 32.89
C LEU B 305 -24.73 -22.31 34.28
N GLU B 306 -24.69 -23.27 35.21
CA GLU B 306 -24.19 -22.98 36.54
C GLU B 306 -22.69 -22.75 36.56
N LYS B 307 -21.95 -23.43 35.67
CA LYS B 307 -20.52 -23.21 35.58
C LYS B 307 -20.20 -21.77 35.21
N ILE B 308 -21.06 -21.14 34.40
CA ILE B 308 -20.84 -19.74 34.04
C ILE B 308 -20.88 -18.86 35.28
N MET B 309 -21.81 -19.13 36.20
CA MET B 309 -21.92 -18.31 37.39
C MET B 309 -20.78 -18.59 38.37
N GLU B 310 -20.40 -19.87 38.52
CA GLU B 310 -19.32 -20.19 39.44
C GLU B 310 -18.02 -19.49 39.03
N ASN B 311 -17.77 -19.36 37.73
CA ASN B 311 -16.58 -18.65 37.28
C ASN B 311 -16.68 -17.17 37.61
N LEU B 312 -17.87 -16.59 37.48
CA LEU B 312 -18.04 -15.20 37.88
C LEU B 312 -17.68 -15.00 39.34
N LYS B 313 -18.24 -15.83 40.23
CA LYS B 313 -18.01 -15.67 41.66
C LYS B 313 -16.54 -15.93 41.99
N ASN B 314 -15.93 -16.95 41.38
CA ASN B 314 -14.51 -17.21 41.57
C ASN B 314 -13.66 -16.00 41.17
N ALA B 315 -14.18 -15.13 40.31
CA ALA B 315 -13.47 -13.94 39.88
C ALA B 315 -13.79 -12.72 40.74
N GLU B 316 -14.47 -12.91 41.88
CA GLU B 316 -14.79 -11.82 42.80
C GLU B 316 -15.71 -10.81 42.13
N ILE B 317 -16.66 -11.30 41.33
CA ILE B 317 -17.62 -10.46 40.62
C ILE B 317 -19.02 -10.90 41.05
N GLU B 318 -19.82 -9.94 41.51
CA GLU B 318 -21.21 -10.19 41.85
C GLU B 318 -22.09 -9.85 40.66
N PRO B 319 -22.88 -10.77 40.11
CA PRO B 319 -23.68 -10.45 38.93
C PRO B 319 -24.66 -9.32 39.21
N ASP B 320 -25.00 -8.59 38.15
CA ASP B 320 -26.01 -7.53 38.22
C ASP B 320 -27.40 -8.13 38.05
N ASP B 321 -28.41 -7.33 38.38
CA ASP B 321 -29.79 -7.82 38.30
C ASP B 321 -30.14 -8.25 36.89
N TYR B 322 -29.47 -7.69 35.87
CA TYR B 322 -29.74 -8.11 34.50
C TYR B 322 -29.22 -9.52 34.25
N PHE B 323 -28.04 -9.85 34.78
CA PHE B 323 -27.52 -11.21 34.66
C PHE B 323 -28.45 -12.21 35.32
N MET B 324 -28.85 -11.93 36.57
CA MET B 324 -29.70 -12.86 37.31
C MET B 324 -31.01 -13.11 36.56
N SER B 325 -31.64 -12.04 36.08
CA SER B 325 -32.85 -12.20 35.27
C SER B 325 -32.57 -13.09 34.06
N ARG B 326 -31.51 -12.79 33.33
CA ARG B 326 -31.13 -13.62 32.19
C ARG B 326 -30.75 -15.03 32.65
N TYR B 327 -30.01 -15.13 33.76
CA TYR B 327 -29.62 -16.43 34.29
C TYR B 327 -30.84 -17.22 34.75
N GLU B 328 -31.71 -16.60 35.54
CA GLU B 328 -32.92 -17.27 36.00
C GLU B 328 -33.79 -17.68 34.82
N LYS B 329 -33.87 -16.85 33.78
CA LYS B 329 -34.70 -17.16 32.63
C LYS B 329 -34.17 -18.37 31.87
N LYS B 330 -32.93 -18.30 31.41
CA LYS B 330 -32.34 -19.43 30.69
C LYS B 330 -32.33 -20.69 31.55
N LEU B 331 -32.14 -20.54 32.87
CA LEU B 331 -32.21 -21.69 33.77
C LEU B 331 -33.56 -22.36 33.67
N GLU B 332 -34.63 -21.62 33.93
CA GLU B 332 -35.98 -22.19 33.89
C GLU B 332 -36.27 -22.79 32.51
N GLU B 333 -35.83 -22.11 31.45
CA GLU B 333 -36.04 -22.62 30.10
C GLU B 333 -35.39 -23.99 29.93
N LEU B 334 -34.21 -24.19 30.54
CA LEU B 334 -33.50 -25.45 30.40
C LEU B 334 -34.04 -26.54 31.32
N LYS B 335 -34.69 -26.16 32.42
CA LYS B 335 -35.24 -27.16 33.34
C LYS B 335 -36.42 -27.90 32.72
N ALA B 336 -37.26 -27.18 31.96
CA ALA B 336 -38.46 -27.79 31.39
C ALA B 336 -38.12 -29.01 30.54
N LYS B 337 -37.36 -28.79 29.46
CA LYS B 337 -37.09 -29.87 28.51
C LYS B 337 -36.18 -30.95 29.08
N GLU B 338 -35.60 -30.75 30.25
CA GLU B 338 -34.78 -31.78 30.89
C GLU B 338 -35.65 -32.73 31.71
MG MG G . 17.92 7.35 -12.70
CL CL H . -3.85 -20.32 14.81
MG MG I . -11.85 -8.98 16.18
#